data_9HCT
#
_entry.id   9HCT
#
_cell.length_a   52.029
_cell.length_b   52.029
_cell.length_c   147.327
_cell.angle_alpha   90.00
_cell.angle_beta   90.00
_cell.angle_gamma   90.00
#
_symmetry.space_group_name_H-M   'P 41 21 2'
#
loop_
_entity.id
_entity.type
_entity.pdbx_description
1 polymer 'Telomeric repeat-binding factor 1'
2 non-polymer 2-methoxy-~{N}-(2,4,6-trimethylphenyl)ethanamide
3 non-polymer 1,2-ETHANEDIOL
4 non-polymer 'CALCIUM ION'
5 non-polymer 'DIMETHYL SULFOXIDE'
6 water water
#
_entity_poly.entity_id   1
_entity_poly.type   'polypeptide(L)'
_entity_poly.pdbx_seq_one_letter_code
;SNAQVQVGAPEEEEEEEEDAGLVAEAEAVAAGWMLDFLCLSLCRAFRDGRSEDFRRTRNSAEAIIHGLSSLTACQLRTIY
ICQFLTRIAAGKTLDAQFENDERITPLESALMIWGSIEKEHDKLHEEIQNLIKIQAIAVCMENGNFKEAEEVFERIFGDP
NSHMPFKSKLLMIISQKDTFHSFFQHFSYNHMMEKIKSYVNYVLSEKSSTFLMKAAAKVVESKR
;
_entity_poly.pdbx_strand_id   A
#
# COMPACT_ATOMS: atom_id res chain seq x y z
N GLU A 16 -0.91 5.17 42.61
CA GLU A 16 -2.00 5.53 41.69
C GLU A 16 -1.46 6.02 40.35
N GLU A 17 -0.48 6.94 40.37
CA GLU A 17 0.12 7.44 39.13
C GLU A 17 1.04 6.39 38.50
N GLU A 18 1.75 5.61 39.35
CA GLU A 18 2.63 4.53 38.91
C GLU A 18 1.80 3.40 38.29
N ASP A 19 0.62 3.11 38.87
CA ASP A 19 -0.29 2.09 38.36
C ASP A 19 -0.79 2.54 36.99
N ALA A 20 -1.27 3.80 36.88
CA ALA A 20 -1.76 4.37 35.64
C ALA A 20 -0.69 4.33 34.55
N GLY A 21 0.56 4.57 34.93
CA GLY A 21 1.69 4.54 34.02
C GLY A 21 1.96 3.14 33.49
N LEU A 22 1.92 2.13 34.38
CA LEU A 22 2.12 0.73 34.00
C LEU A 22 0.98 0.27 33.08
N VAL A 23 -0.26 0.71 33.36
CA VAL A 23 -1.41 0.39 32.54
C VAL A 23 -1.25 1.00 31.14
N ALA A 24 -0.86 2.27 31.06
CA ALA A 24 -0.65 2.91 29.75
C ALA A 24 0.44 2.20 28.95
N GLU A 25 1.50 1.75 29.62
CA GLU A 25 2.58 1.03 28.93
C GLU A 25 2.07 -0.31 28.41
N ALA A 26 1.23 -1.01 29.18
CA ALA A 26 0.66 -2.28 28.72
C ALA A 26 -0.28 -2.06 27.53
N GLU A 27 -1.07 -0.97 27.55
CA GLU A 27 -1.93 -0.64 26.40
C GLU A 27 -1.09 -0.41 25.14
N ALA A 28 0.09 0.24 25.25
CA ALA A 28 0.98 0.49 24.11
C ALA A 28 1.53 -0.83 23.57
N VAL A 29 1.88 -1.77 24.48
CA VAL A 29 2.38 -3.09 24.05
C VAL A 29 1.29 -3.82 23.27
N ALA A 30 0.07 -3.83 23.81
CA ALA A 30 -1.05 -4.54 23.16
C ALA A 30 -1.38 -3.90 21.83
N ALA A 31 -1.33 -2.55 21.74
CA ALA A 31 -1.60 -1.87 20.47
C ALA A 31 -0.58 -2.25 19.41
N GLY A 32 0.67 -2.42 19.80
CA GLY A 32 1.72 -2.84 18.86
C GLY A 32 1.42 -4.23 18.33
N TRP A 33 0.97 -5.13 19.22
CA TRP A 33 0.61 -6.50 18.80
C TRP A 33 -0.58 -6.46 17.83
N MET A 34 -1.56 -5.60 18.12
CA MET A 34 -2.75 -5.47 17.27
C MET A 34 -2.38 -4.92 15.89
N LEU A 35 -1.46 -3.97 15.84
CA LEU A 35 -1.00 -3.37 14.57
C LEU A 35 -0.40 -4.46 13.65
N ASP A 36 0.53 -5.28 14.18
CA ASP A 36 1.15 -6.35 13.40
C ASP A 36 0.10 -7.35 12.91
N PHE A 37 -0.86 -7.73 13.79
CA PHE A 37 -1.88 -8.69 13.39
C PHE A 37 -2.76 -8.10 12.26
N LEU A 38 -3.20 -6.84 12.41
CA LEU A 38 -4.04 -6.21 11.39
C LEU A 38 -3.30 -6.02 10.07
N CYS A 39 -1.97 -5.77 10.13
CA CYS A 39 -1.18 -5.66 8.89
C CYS A 39 -1.17 -7.01 8.18
N LEU A 40 -0.92 -8.09 8.93
CA LEU A 40 -0.94 -9.44 8.34
C LEU A 40 -2.31 -9.76 7.69
N SER A 41 -3.39 -9.41 8.39
CA SER A 41 -4.74 -9.66 7.90
CA SER A 41 -4.73 -9.66 7.92
C SER A 41 -5.05 -8.85 6.65
N LEU A 42 -4.58 -7.59 6.61
CA LEU A 42 -4.77 -6.68 5.46
C LEU A 42 -3.99 -7.23 4.26
N CYS A 43 -2.75 -7.69 4.48
CA CYS A 43 -1.91 -8.27 3.42
C CYS A 43 -2.60 -9.48 2.81
N ARG A 44 -3.12 -10.35 3.68
CA ARG A 44 -3.79 -11.56 3.23
C ARG A 44 -5.04 -11.26 2.43
N ALA A 45 -5.87 -10.28 2.86
CA ALA A 45 -7.08 -9.92 2.11
C ALA A 45 -6.70 -9.35 0.76
N PHE A 46 -5.64 -8.51 0.69
CA PHE A 46 -5.16 -7.93 -0.57
C PHE A 46 -4.71 -9.05 -1.50
N ARG A 47 -3.88 -9.97 -1.00
CA ARG A 47 -3.37 -11.09 -1.81
C ARG A 47 -4.52 -11.97 -2.36
N ASP A 48 -5.52 -12.25 -1.51
CA ASP A 48 -6.65 -13.08 -1.90
C ASP A 48 -7.72 -12.38 -2.73
N GLY A 49 -7.68 -11.07 -2.79
CA GLY A 49 -8.69 -10.28 -3.49
C GLY A 49 -10.02 -10.24 -2.75
N ARG A 50 -9.97 -10.29 -1.41
CA ARG A 50 -11.18 -10.28 -0.55
C ARG A 50 -11.46 -8.83 -0.24
N SER A 51 -12.16 -8.15 -1.18
CA SER A 51 -12.39 -6.71 -1.10
CA SER A 51 -12.40 -6.71 -1.11
C SER A 51 -13.07 -6.19 0.17
N GLU A 52 -14.15 -6.86 0.60
CA GLU A 52 -14.89 -6.43 1.78
C GLU A 52 -14.08 -6.66 3.06
N ASP A 53 -13.42 -7.82 3.18
CA ASP A 53 -12.53 -8.07 4.30
C ASP A 53 -11.40 -7.03 4.34
N PHE A 54 -10.87 -6.63 3.17
CA PHE A 54 -9.82 -5.62 3.09
C PHE A 54 -10.34 -4.29 3.65
N ARG A 55 -11.56 -3.87 3.24
CA ARG A 55 -12.16 -2.61 3.67
C ARG A 55 -12.35 -2.61 5.19
N ARG A 56 -12.92 -3.69 5.73
CA ARG A 56 -13.19 -3.76 7.17
C ARG A 56 -11.86 -3.80 7.96
N THR A 57 -10.84 -4.54 7.47
CA THR A 57 -9.55 -4.60 8.16
C THR A 57 -8.83 -3.24 8.12
N ARG A 58 -8.95 -2.53 6.99
CA ARG A 58 -8.34 -1.21 6.85
CA ARG A 58 -8.37 -1.19 6.81
C ARG A 58 -8.94 -0.25 7.88
N ASN A 59 -10.27 -0.33 8.10
CA ASN A 59 -10.96 0.51 9.10
C ASN A 59 -10.40 0.23 10.49
N SER A 60 -10.23 -1.06 10.83
CA SER A 60 -9.66 -1.44 12.13
C SER A 60 -8.21 -0.98 12.30
N ALA A 61 -7.38 -1.15 11.24
CA ALA A 61 -5.98 -0.72 11.25
C ALA A 61 -5.90 0.78 11.46
N GLU A 62 -6.70 1.60 10.75
CA GLU A 62 -6.63 3.06 10.92
CA GLU A 62 -6.65 3.06 10.92
C GLU A 62 -6.96 3.47 12.36
N ALA A 63 -8.00 2.86 12.94
CA ALA A 63 -8.41 3.22 14.30
C ALA A 63 -7.28 2.86 15.30
N ILE A 64 -6.72 1.67 15.20
CA ILE A 64 -5.65 1.26 16.13
C ILE A 64 -4.43 2.20 16.01
N ILE A 65 -4.10 2.62 14.76
CA ILE A 65 -2.95 3.52 14.54
C ILE A 65 -3.15 4.88 15.22
N HIS A 66 -4.39 5.39 15.25
CA HIS A 66 -4.65 6.68 15.94
C HIS A 66 -4.49 6.61 17.46
N GLY A 67 -4.52 5.41 18.01
CA GLY A 67 -4.34 5.21 19.45
C GLY A 67 -2.89 4.90 19.82
N LEU A 68 -1.96 4.94 18.86
CA LEU A 68 -0.54 4.68 19.08
C LEU A 68 0.17 6.02 18.98
N SER A 69 1.11 6.32 19.89
CA SER A 69 1.83 7.60 19.76
C SER A 69 3.27 7.38 19.27
N SER A 70 4.22 7.01 20.16
CA SER A 70 5.60 6.80 19.77
CA SER A 70 5.61 6.79 19.79
C SER A 70 5.75 5.49 19.04
N LEU A 71 6.39 5.53 17.87
CA LEU A 71 6.55 4.35 17.05
C LEU A 71 8.02 3.96 16.93
N THR A 72 8.30 2.66 16.91
CA THR A 72 9.65 2.20 16.61
C THR A 72 9.83 2.25 15.07
N ALA A 73 11.07 2.12 14.54
CA ALA A 73 11.26 2.11 13.07
C ALA A 73 10.46 0.95 12.44
N CYS A 74 10.40 -0.21 13.11
CA CYS A 74 9.65 -1.39 12.66
CA CYS A 74 9.65 -1.37 12.62
C CYS A 74 8.14 -1.07 12.52
N GLN A 75 7.58 -0.38 13.51
CA GLN A 75 6.15 -0.04 13.51
C GLN A 75 5.82 0.98 12.42
N LEU A 76 6.74 1.93 12.15
CA LEU A 76 6.54 2.90 11.07
C LEU A 76 6.53 2.19 9.73
N ARG A 77 7.43 1.21 9.53
CA ARG A 77 7.46 0.43 8.29
C ARG A 77 6.13 -0.35 8.13
N THR A 78 5.62 -0.92 9.23
CA THR A 78 4.34 -1.65 9.19
C THR A 78 3.18 -0.71 8.77
N ILE A 79 3.15 0.51 9.31
CA ILE A 79 2.10 1.47 8.96
C ILE A 79 2.22 1.86 7.51
N TYR A 80 3.46 2.09 7.03
CA TYR A 80 3.64 2.45 5.61
C TYR A 80 3.14 1.34 4.69
N ILE A 81 3.40 0.06 5.02
CA ILE A 81 2.89 -1.05 4.20
C ILE A 81 1.34 -1.01 4.15
N CYS A 82 0.68 -0.79 5.30
CA CYS A 82 -0.80 -0.68 5.33
C CYS A 82 -1.29 0.50 4.45
N GLN A 83 -0.63 1.65 4.57
CA GLN A 83 -1.00 2.83 3.80
C GLN A 83 -0.76 2.59 2.29
N PHE A 84 0.36 1.96 1.94
CA PHE A 84 0.68 1.66 0.53
C PHE A 84 -0.41 0.77 -0.10
N LEU A 85 -0.78 -0.33 0.59
CA LEU A 85 -1.81 -1.21 0.03
C LEU A 85 -3.16 -0.52 -0.11
N THR A 86 -3.49 0.36 0.84
CA THR A 86 -4.75 1.10 0.78
C THR A 86 -4.82 1.98 -0.46
N ARG A 87 -3.71 2.68 -0.79
CA ARG A 87 -3.66 3.54 -1.99
C ARG A 87 -3.69 2.73 -3.27
N ILE A 88 -3.01 1.57 -3.28
CA ILE A 88 -3.01 0.65 -4.44
C ILE A 88 -4.43 0.12 -4.67
N ALA A 89 -5.11 -0.29 -3.61
CA ALA A 89 -6.51 -0.76 -3.73
C ALA A 89 -7.44 0.37 -4.27
N ALA A 90 -7.12 1.63 -3.95
CA ALA A 90 -7.87 2.78 -4.44
C ALA A 90 -7.27 3.38 -5.73
N GLY A 91 -6.36 2.69 -6.39
CA GLY A 91 -5.64 3.23 -7.55
C GLY A 91 -6.51 3.81 -8.67
N LYS A 92 -7.69 3.22 -8.88
CA LYS A 92 -8.61 3.73 -9.91
C LYS A 92 -9.66 4.71 -9.38
N THR A 93 -9.64 5.03 -8.09
CA THR A 93 -10.63 5.93 -7.49
C THR A 93 -10.04 7.33 -7.55
N LEU A 94 -10.11 8.00 -8.72
CA LEU A 94 -9.50 9.32 -8.87
C LEU A 94 -10.12 10.43 -8.01
N ASP A 95 -11.30 10.17 -7.41
CA ASP A 95 -11.97 11.10 -6.49
C ASP A 95 -11.38 11.04 -5.06
N ALA A 96 -10.62 9.98 -4.73
CA ALA A 96 -10.07 9.81 -3.38
C ALA A 96 -8.86 10.72 -3.15
N GLN A 97 -8.86 11.43 -2.02
CA GLN A 97 -7.79 12.36 -1.69
C GLN A 97 -6.98 11.83 -0.53
N PHE A 98 -5.78 11.30 -0.81
CA PHE A 98 -4.92 10.76 0.23
C PHE A 98 -3.91 11.73 0.78
N GLU A 99 -3.73 12.91 0.15
CA GLU A 99 -2.73 13.87 0.62
C GLU A 99 -3.36 15.22 0.90
N ASN A 100 -2.69 16.06 1.72
CA ASN A 100 -3.16 17.42 1.97
C ASN A 100 -3.25 18.20 0.64
N ASP A 101 -2.30 17.98 -0.28
CA ASP A 101 -2.35 18.57 -1.61
C ASP A 101 -3.34 17.71 -2.39
N GLU A 102 -4.49 18.30 -2.70
CA GLU A 102 -5.61 17.63 -3.37
C GLU A 102 -5.34 17.20 -4.82
N ARG A 103 -4.24 17.67 -5.42
CA ARG A 103 -3.92 17.29 -6.80
C ARG A 103 -3.31 15.89 -6.90
N ILE A 104 -2.73 15.37 -5.80
CA ILE A 104 -2.03 14.10 -5.82
C ILE A 104 -2.99 12.92 -5.93
N THR A 105 -2.82 12.11 -6.99
CA THR A 105 -3.68 10.95 -7.18
C THR A 105 -3.27 9.77 -6.29
N PRO A 106 -4.18 8.81 -6.09
CA PRO A 106 -3.87 7.63 -5.25
C PRO A 106 -2.58 6.87 -5.62
N LEU A 107 -2.35 6.60 -6.92
CA LEU A 107 -1.11 5.90 -7.31
C LEU A 107 0.14 6.76 -7.07
N GLU A 108 0.03 8.10 -7.22
CA GLU A 108 1.16 9.00 -6.91
C GLU A 108 1.46 8.96 -5.40
N SER A 109 0.39 8.91 -4.57
CA SER A 109 0.58 8.78 -3.12
C SER A 109 1.23 7.42 -2.80
N ALA A 110 0.82 6.33 -3.47
CA ALA A 110 1.46 5.01 -3.23
C ALA A 110 2.95 5.05 -3.61
N LEU A 111 3.29 5.76 -4.71
CA LEU A 111 4.68 5.89 -5.17
C LEU A 111 5.56 6.60 -4.12
N MET A 112 5.00 7.64 -3.46
CA MET A 112 5.69 8.40 -2.42
C MET A 112 6.00 7.50 -1.24
N ILE A 113 5.04 6.65 -0.83
CA ILE A 113 5.26 5.74 0.29
C ILE A 113 6.25 4.66 -0.08
N TRP A 114 6.15 4.16 -1.32
CA TRP A 114 7.07 3.09 -1.78
C TRP A 114 8.53 3.55 -1.71
N GLY A 115 8.78 4.83 -1.98
CA GLY A 115 10.13 5.40 -1.94
C GLY A 115 10.61 5.78 -0.54
N SER A 116 9.73 5.70 0.48
CA SER A 116 10.02 6.05 1.88
C SER A 116 10.26 4.82 2.76
N ILE A 117 9.69 3.66 2.40
CA ILE A 117 9.84 2.44 3.18
C ILE A 117 11.29 2.02 3.32
N GLU A 118 11.73 1.68 4.55
CA GLU A 118 13.10 1.20 4.78
C GLU A 118 13.13 -0.25 4.34
N LYS A 119 13.43 -0.48 3.06
CA LYS A 119 13.45 -1.80 2.48
C LYS A 119 14.51 -1.88 1.39
N GLU A 120 14.86 -3.11 1.00
CA GLU A 120 15.87 -3.31 -0.04
C GLU A 120 15.36 -2.81 -1.38
N HIS A 121 16.25 -2.18 -2.13
CA HIS A 121 15.89 -1.73 -3.48
C HIS A 121 16.43 -2.77 -4.46
N ASP A 122 15.76 -3.92 -4.44
CA ASP A 122 16.12 -5.02 -5.31
C ASP A 122 15.40 -4.84 -6.66
N LYS A 123 15.56 -5.80 -7.61
CA LYS A 123 14.92 -5.69 -8.92
C LYS A 123 13.39 -5.57 -8.80
N LEU A 124 12.77 -6.37 -7.90
CA LEU A 124 11.31 -6.32 -7.70
C LEU A 124 10.87 -4.94 -7.25
N HIS A 125 11.67 -4.28 -6.39
CA HIS A 125 11.32 -2.92 -5.92
C HIS A 125 11.21 -1.95 -7.10
N GLU A 126 12.23 -1.95 -7.97
CA GLU A 126 12.22 -1.04 -9.12
C GLU A 126 11.14 -1.40 -10.12
N GLU A 127 10.88 -2.70 -10.33
CA GLU A 127 9.80 -3.10 -11.24
C GLU A 127 8.44 -2.59 -10.77
N ILE A 128 8.17 -2.69 -9.45
CA ILE A 128 6.88 -2.21 -8.89
C ILE A 128 6.84 -0.69 -9.02
N GLN A 129 7.96 -0.01 -8.72
CA GLN A 129 8.02 1.45 -8.85
C GLN A 129 7.66 1.91 -10.28
N ASN A 130 8.27 1.29 -11.29
CA ASN A 130 8.04 1.69 -12.69
C ASN A 130 6.64 1.34 -13.16
N LEU A 131 6.06 0.26 -12.66
CA LEU A 131 4.68 -0.12 -13.01
C LEU A 131 3.68 0.89 -12.41
N ILE A 132 3.91 1.35 -11.17
CA ILE A 132 3.02 2.35 -10.56
C ILE A 132 3.14 3.67 -11.36
N LYS A 133 4.35 4.06 -11.77
CA LYS A 133 4.50 5.30 -12.58
C LYS A 133 3.70 5.22 -13.88
N ILE A 134 3.80 4.10 -14.61
CA ILE A 134 3.08 3.96 -15.88
C ILE A 134 1.56 3.98 -15.63
N GLN A 135 1.10 3.23 -14.62
CA GLN A 135 -0.32 3.16 -14.34
C GLN A 135 -0.87 4.45 -13.77
N ALA A 136 -0.08 5.28 -13.09
CA ALA A 136 -0.59 6.57 -12.58
C ALA A 136 -1.05 7.45 -13.75
N ILE A 137 -0.37 7.37 -14.89
CA ILE A 137 -0.74 8.07 -16.12
C ILE A 137 -1.88 7.30 -16.81
N ALA A 138 -1.74 5.98 -16.98
CA ALA A 138 -2.78 5.16 -17.63
C ALA A 138 -4.17 5.34 -17.06
N VAL A 139 -4.29 5.39 -15.72
CA VAL A 139 -5.61 5.50 -15.09
C VAL A 139 -6.26 6.85 -15.42
N CYS A 140 -5.45 7.92 -15.58
CA CYS A 140 -6.02 9.24 -15.96
C CYS A 140 -6.50 9.21 -17.40
N MET A 141 -5.72 8.61 -18.28
CA MET A 141 -6.05 8.50 -19.71
CA MET A 141 -6.09 8.53 -19.69
C MET A 141 -7.36 7.72 -19.91
N GLU A 142 -7.49 6.57 -19.23
CA GLU A 142 -8.66 5.72 -19.33
C GLU A 142 -9.96 6.41 -18.88
N ASN A 143 -9.86 7.45 -18.05
CA ASN A 143 -11.03 8.22 -17.62
C ASN A 143 -11.26 9.49 -18.48
N GLY A 144 -10.53 9.64 -19.58
CA GLY A 144 -10.61 10.83 -20.42
C GLY A 144 -10.03 12.07 -19.77
N ASN A 145 -9.18 11.90 -18.75
CA ASN A 145 -8.58 13.03 -18.06
C ASN A 145 -7.18 13.26 -18.64
N PHE A 146 -7.13 13.72 -19.90
CA PHE A 146 -5.90 13.93 -20.65
C PHE A 146 -4.98 15.00 -20.06
N LYS A 147 -5.55 16.13 -19.61
CA LYS A 147 -4.73 17.19 -19.01
C LYS A 147 -4.18 16.74 -17.66
N GLU A 148 -5.01 16.00 -16.89
CA GLU A 148 -4.54 15.49 -15.60
C GLU A 148 -3.39 14.48 -15.82
N ALA A 149 -3.47 13.66 -16.90
CA ALA A 149 -2.40 12.71 -17.21
C ALA A 149 -1.07 13.45 -17.46
N GLU A 150 -1.11 14.59 -18.17
CA GLU A 150 0.10 15.40 -18.41
C GLU A 150 0.64 15.99 -17.09
N GLU A 151 -0.26 16.40 -16.18
CA GLU A 151 0.17 16.96 -14.90
C GLU A 151 0.79 15.90 -14.00
N VAL A 152 0.20 14.69 -13.95
CA VAL A 152 0.78 13.55 -13.19
C VAL A 152 2.18 13.25 -13.78
N PHE A 153 2.28 13.18 -15.11
CA PHE A 153 3.57 12.95 -15.81
C PHE A 153 4.63 13.96 -15.35
N GLU A 154 4.28 15.27 -15.30
CA GLU A 154 5.23 16.28 -14.86
C GLU A 154 5.66 16.11 -13.40
N ARG A 155 4.72 15.74 -12.51
CA ARG A 155 5.08 15.54 -11.09
C ARG A 155 5.99 14.32 -10.93
N ILE A 156 5.72 13.26 -11.68
CA ILE A 156 6.51 12.03 -11.57
C ILE A 156 7.87 12.13 -12.26
N PHE A 157 7.90 12.41 -13.58
CA PHE A 157 9.09 12.42 -14.44
C PHE A 157 9.80 13.74 -14.42
N GLY A 158 10.44 14.03 -13.29
CA GLY A 158 11.14 15.27 -13.06
C GLY A 158 10.55 15.99 -11.85
N MET A 164 14.85 8.49 -19.98
CA MET A 164 14.55 9.22 -21.21
C MET A 164 13.73 8.41 -22.24
N PRO A 165 14.10 7.18 -22.66
CA PRO A 165 13.29 6.47 -23.67
C PRO A 165 11.88 6.16 -23.17
N PHE A 166 11.78 5.74 -21.90
CA PHE A 166 10.56 5.39 -21.16
C PHE A 166 9.70 6.66 -21.06
N LYS A 167 10.32 7.76 -20.62
CA LYS A 167 9.72 9.06 -20.44
C LYS A 167 9.14 9.65 -21.76
N SER A 168 9.90 9.58 -22.87
CA SER A 168 9.43 10.15 -24.12
C SER A 168 8.28 9.34 -24.76
N LYS A 169 8.26 8.00 -24.58
CA LYS A 169 7.15 7.19 -25.11
C LYS A 169 5.85 7.55 -24.39
N LEU A 170 5.93 7.76 -23.06
CA LEU A 170 4.76 8.14 -22.27
C LEU A 170 4.22 9.51 -22.67
N LEU A 171 5.11 10.49 -22.90
CA LEU A 171 4.65 11.83 -23.30
C LEU A 171 3.98 11.78 -24.69
N MET A 172 4.49 10.94 -25.59
N MET A 172 4.49 10.93 -25.59
CA MET A 172 3.89 10.81 -26.91
CA MET A 172 3.90 10.76 -26.92
C MET A 172 2.47 10.25 -26.80
C MET A 172 2.48 10.23 -26.81
N ILE A 173 2.27 9.19 -25.97
CA ILE A 173 0.96 8.59 -25.73
C ILE A 173 -0.04 9.61 -25.17
N ILE A 174 0.40 10.44 -24.21
CA ILE A 174 -0.47 11.45 -23.61
C ILE A 174 -0.93 12.48 -24.65
N SER A 175 0.00 12.92 -25.50
CA SER A 175 -0.27 13.93 -26.53
C SER A 175 -1.20 13.41 -27.64
N GLN A 176 -1.09 12.13 -27.97
CA GLN A 176 -1.98 11.51 -28.96
C GLN A 176 -3.35 11.17 -28.36
N LYS A 177 -3.53 11.23 -27.03
CA LYS A 177 -4.73 10.81 -26.33
C LYS A 177 -5.00 9.31 -26.61
N ASP A 178 -3.92 8.52 -26.73
CA ASP A 178 -4.01 7.10 -27.06
C ASP A 178 -4.29 6.28 -25.80
N THR A 179 -5.53 6.36 -25.31
CA THR A 179 -5.97 5.64 -24.12
C THR A 179 -5.69 4.13 -24.18
N PHE A 180 -6.25 3.42 -25.16
CA PHE A 180 -6.06 1.99 -25.29
C PHE A 180 -4.80 1.68 -26.08
N HIS A 181 -3.68 2.33 -25.72
CA HIS A 181 -2.42 2.09 -26.38
C HIS A 181 -1.91 0.72 -25.98
N SER A 182 -1.20 0.06 -26.89
CA SER A 182 -0.64 -1.27 -26.64
C SER A 182 0.40 -1.27 -25.50
N PHE A 183 1.05 -0.13 -25.24
CA PHE A 183 2.06 0.02 -24.20
C PHE A 183 1.46 -0.24 -22.82
N PHE A 184 0.25 0.28 -22.59
CA PHE A 184 -0.46 0.07 -21.32
C PHE A 184 -0.96 -1.38 -21.14
N GLN A 185 -0.99 -2.17 -22.21
CA GLN A 185 -1.37 -3.59 -22.13
C GLN A 185 -0.14 -4.45 -21.76
N HIS A 186 1.05 -4.05 -22.19
CA HIS A 186 2.29 -4.73 -21.88
C HIS A 186 2.67 -4.49 -20.41
N PHE A 187 2.48 -3.25 -19.92
CA PHE A 187 2.78 -2.90 -18.53
C PHE A 187 1.45 -2.49 -17.89
N SER A 188 0.56 -3.46 -17.76
CA SER A 188 -0.83 -3.28 -17.35
C SER A 188 -1.09 -3.12 -15.83
N TYR A 189 -2.35 -2.75 -15.47
CA TYR A 189 -2.77 -2.63 -14.08
C TYR A 189 -2.71 -4.02 -13.42
N ASN A 190 -3.09 -5.08 -14.18
CA ASN A 190 -3.02 -6.45 -13.67
C ASN A 190 -1.57 -6.86 -13.39
N HIS A 191 -0.64 -6.50 -14.27
CA HIS A 191 0.77 -6.83 -14.07
CA HIS A 191 0.78 -6.80 -14.11
C HIS A 191 1.30 -6.10 -12.85
N MET A 192 0.89 -4.85 -12.62
CA MET A 192 1.30 -4.10 -11.42
C MET A 192 0.78 -4.83 -10.15
N MET A 193 -0.51 -5.23 -10.16
CA MET A 193 -1.09 -5.93 -9.00
C MET A 193 -0.38 -7.27 -8.73
N GLU A 194 -0.03 -8.03 -9.77
CA GLU A 194 0.65 -9.32 -9.61
C GLU A 194 2.01 -9.15 -8.99
N LYS A 195 2.78 -8.16 -9.46
CA LYS A 195 4.11 -7.88 -8.88
C LYS A 195 3.97 -7.44 -7.43
N ILE A 196 3.00 -6.56 -7.13
CA ILE A 196 2.77 -6.14 -5.74
C ILE A 196 2.35 -7.37 -4.87
N LYS A 197 1.50 -8.27 -5.40
CA LYS A 197 1.14 -9.49 -4.64
C LYS A 197 2.35 -10.35 -4.35
N SER A 198 3.35 -10.37 -5.25
CA SER A 198 4.62 -11.13 -5.01
C SER A 198 5.33 -10.55 -3.76
N TYR A 199 5.36 -9.21 -3.64
CA TYR A 199 5.98 -8.53 -2.49
C TYR A 199 5.18 -8.80 -1.23
N VAL A 200 3.85 -8.74 -1.35
CA VAL A 200 2.96 -8.98 -0.20
C VAL A 200 3.17 -10.39 0.35
N ASN A 201 3.44 -11.36 -0.52
CA ASN A 201 3.74 -12.72 -0.07
C ASN A 201 4.97 -12.76 0.85
N TYR A 202 5.98 -11.92 0.60
CA TYR A 202 7.17 -11.86 1.48
C TYR A 202 6.82 -11.23 2.83
N VAL A 203 5.98 -10.18 2.83
CA VAL A 203 5.56 -9.55 4.10
C VAL A 203 4.74 -10.55 4.91
N LEU A 204 3.87 -11.33 4.23
CA LEU A 204 3.07 -12.36 4.92
C LEU A 204 3.97 -13.40 5.59
N SER A 205 5.04 -13.86 4.91
N SER A 205 5.04 -13.85 4.91
CA SER A 205 5.96 -14.85 5.49
CA SER A 205 5.93 -14.83 5.50
C SER A 205 6.78 -14.30 6.66
C SER A 205 6.62 -14.25 6.74
N GLU A 206 7.09 -13.00 6.62
CA GLU A 206 7.80 -12.30 7.70
C GLU A 206 6.92 -12.05 8.94
N LYS A 207 5.67 -11.61 8.74
CA LYS A 207 4.79 -11.29 9.87
C LYS A 207 3.96 -12.45 10.39
N SER A 208 4.00 -13.62 9.74
CA SER A 208 3.21 -14.77 10.22
C SER A 208 3.65 -15.25 11.60
N SER A 209 4.89 -14.96 12.00
CA SER A 209 5.38 -15.38 13.31
CA SER A 209 5.39 -15.37 13.31
C SER A 209 5.20 -14.31 14.40
N THR A 210 4.47 -13.21 14.12
CA THR A 210 4.27 -12.18 15.14
C THR A 210 3.34 -12.75 16.27
N PHE A 211 3.48 -12.19 17.49
CA PHE A 211 2.84 -12.66 18.69
C PHE A 211 1.36 -13.09 18.57
N LEU A 212 0.47 -12.15 18.20
CA LEU A 212 -0.97 -12.41 18.25
C LEU A 212 -1.39 -13.51 17.26
N MET A 213 -0.82 -13.52 16.04
CA MET A 213 -1.15 -14.59 15.08
C MET A 213 -0.58 -15.93 15.51
N LYS A 214 0.66 -15.98 16.05
CA LYS A 214 1.23 -17.26 16.54
C LYS A 214 0.36 -17.86 17.65
N ALA A 215 -0.07 -17.02 18.61
CA ALA A 215 -0.86 -17.47 19.75
C ALA A 215 -2.24 -17.95 19.30
N ALA A 216 -2.85 -17.23 18.35
CA ALA A 216 -4.19 -17.62 17.85
C ALA A 216 -4.08 -18.92 17.05
N ALA A 217 -3.02 -19.06 16.23
CA ALA A 217 -2.82 -20.30 15.46
C ALA A 217 -2.60 -21.49 16.40
N LYS A 218 -1.84 -21.28 17.48
CA LYS A 218 -1.64 -22.36 18.45
C LYS A 218 -2.98 -22.82 19.10
N VAL A 219 -3.87 -21.87 19.42
CA VAL A 219 -5.20 -22.18 19.97
C VAL A 219 -6.00 -23.02 18.94
N VAL A 220 -6.06 -22.57 17.68
CA VAL A 220 -6.82 -23.28 16.65
C VAL A 220 -6.29 -24.71 16.45
N GLU A 221 -4.97 -24.86 16.38
CA GLU A 221 -4.33 -26.16 16.21
C GLU A 221 -4.55 -27.07 17.41
N SER A 222 -4.57 -26.52 18.63
CA SER A 222 -4.81 -27.32 19.84
C SER A 222 -6.23 -27.92 19.87
N LYS A 223 -7.17 -27.34 19.10
CA LYS A 223 -8.53 -27.84 19.01
C LYS A 223 -8.75 -28.83 17.86
N ARG A 224 -7.70 -29.12 17.05
CA ARG A 224 -7.78 -30.02 15.90
C ARG A 224 -7.63 -31.51 16.28
#